data_2B61
#
_entry.id   2B61
#
_cell.length_a   85.264
_cell.length_b   85.264
_cell.length_c   120.263
_cell.angle_alpha   90.00
_cell.angle_beta   90.00
_cell.angle_gamma   120.00
#
_symmetry.space_group_name_H-M   'P 31 2 1'
#
loop_
_entity.id
_entity.type
_entity.pdbx_description
1 polymer 'Homoserine O-acetyltransferase'
2 water water
#
_entity_poly.entity_id   1
_entity_poly.type   'polypeptide(L)'
_entity_poly.pdbx_seq_one_letter_code
;GSSHHHHHHSSGLVPRGSHMSVQNVVLFDTQPLTL(MSE)LGGKLSYINVAYQTYGTLNDEKNNAVLICHALTGDAEPYF
DDGRDGWWQNF(MSE)GAGLALDTDRYFFISSNVLGGCKGTTGPSSINPQTGKPYGSQFPNIVVQDIVKVQKALLEHLGI
SHLKAIIGGSFGG(MSE)QANQWAIDYPDF(MSE)DNIVNLCSSIYFSAEAIGFNHV(MSE)RQAVINDPNFNGGDYYEG
TPPDQGLSIAR(MSE)LG(MSE)LTYRTDLQLAKAFGRATKSDGSFWGDYFQVESYLSYQGKKFLERFDANSYLHLLRAL
D(MSE)YDPSLGYENVKEALSRIKARYTLVSVTTDQLFKPIDLYKSKQLLEQSGVDLHFYEFPSDYGHDAFLVDYDQFEK
RIRDGLAGN
;
_entity_poly.pdbx_strand_id   A
#
# COMPACT_ATOMS: atom_id res chain seq x y z
N SER A 21 -9.08 -16.98 -2.41
CA SER A 21 -10.57 -17.08 -2.30
C SER A 21 -11.15 -15.89 -1.50
N VAL A 22 -11.01 -14.72 -2.10
CA VAL A 22 -11.32 -13.46 -1.44
C VAL A 22 -12.80 -13.34 -1.05
N GLN A 23 -13.05 -12.71 0.09
CA GLN A 23 -14.41 -12.43 0.55
C GLN A 23 -14.82 -11.04 0.10
N ASN A 24 -16.12 -10.79 0.02
CA ASN A 24 -16.62 -9.49 -0.45
C ASN A 24 -17.83 -9.04 0.35
N VAL A 25 -17.92 -7.74 0.57
CA VAL A 25 -19.11 -7.15 1.19
C VAL A 25 -19.38 -5.79 0.58
N VAL A 26 -20.65 -5.51 0.29
CA VAL A 26 -21.06 -4.18 -0.19
C VAL A 26 -21.43 -3.28 0.97
N LEU A 27 -20.78 -2.12 1.03
CA LEU A 27 -20.98 -1.14 2.09
C LEU A 27 -21.38 0.20 1.49
N PHE A 28 -21.72 1.17 2.34
CA PHE A 28 -22.13 2.51 1.86
C PHE A 28 -23.24 2.41 0.83
N ASP A 29 -24.21 1.57 1.15
CA ASP A 29 -25.35 1.40 0.27
C ASP A 29 -26.45 2.40 0.62
N THR A 30 -26.83 2.45 1.90
CA THR A 30 -27.94 3.31 2.33
C THR A 30 -27.48 4.72 2.67
N GLN A 31 -26.18 4.86 2.92
CA GLN A 31 -25.61 6.17 3.12
C GLN A 31 -24.28 6.19 2.41
N PRO A 32 -24.11 7.12 1.46
CA PRO A 32 -22.86 7.17 0.69
C PRO A 32 -21.66 7.54 1.56
N LEU A 33 -20.47 7.20 1.05
CA LEU A 33 -19.23 7.70 1.61
C LEU A 33 -19.00 9.11 1.07
N THR A 34 -18.90 10.07 1.98
CA THR A 34 -18.52 11.43 1.60
C THR A 34 -16.99 11.52 1.61
N LEU A 35 -16.44 11.88 0.46
CA LEU A 35 -14.99 11.88 0.27
C LEU A 35 -14.38 13.20 0.72
N LEU A 37 -12.17 15.11 -0.59
CA LEU A 37 -11.95 16.10 -1.65
C LEU A 37 -13.23 16.49 -2.38
N GLY A 38 -14.35 15.98 -1.86
CA GLY A 38 -15.69 16.35 -2.35
C GLY A 38 -16.33 15.22 -3.11
N GLY A 39 -17.63 15.27 -3.28
CA GLY A 39 -18.28 14.16 -3.98
C GLY A 39 -18.27 12.86 -3.17
N LYS A 40 -18.89 11.84 -3.75
CA LYS A 40 -19.41 10.74 -2.96
C LYS A 40 -19.32 9.44 -3.73
N LEU A 41 -19.30 8.34 -2.99
CA LEU A 41 -19.36 7.00 -3.57
C LEU A 41 -20.40 6.18 -2.84
N SER A 42 -21.18 5.43 -3.61
CA SER A 42 -22.18 4.53 -3.04
C SER A 42 -21.89 3.11 -3.52
N TYR A 43 -22.36 2.12 -2.78
CA TYR A 43 -22.25 0.70 -3.18
C TYR A 43 -20.81 0.30 -3.36
N ILE A 44 -20.02 0.57 -2.33
CA ILE A 44 -18.60 0.23 -2.33
C ILE A 44 -18.45 -1.24 -1.96
N ASN A 45 -17.96 -2.05 -2.89
CA ASN A 45 -17.61 -3.42 -2.56
C ASN A 45 -16.23 -3.40 -1.94
N VAL A 46 -16.08 -4.11 -0.82
CA VAL A 46 -14.76 -4.29 -0.22
C VAL A 46 -14.36 -5.74 -0.34
N ALA A 47 -13.24 -6.00 -1.03
CA ALA A 47 -12.64 -7.33 -1.10
C ALA A 47 -11.69 -7.49 0.08
N TYR A 48 -11.80 -8.61 0.78
CA TYR A 48 -10.99 -8.79 1.99
C TYR A 48 -10.73 -10.26 2.26
N GLN A 49 -9.79 -10.51 3.15
CA GLN A 49 -9.52 -11.87 3.57
C GLN A 49 -9.21 -11.85 5.07
N THR A 50 -9.52 -12.96 5.74
CA THR A 50 -9.13 -13.11 7.13
C THR A 50 -8.28 -14.37 7.27
N TYR A 51 -7.43 -14.38 8.30
CA TYR A 51 -6.49 -15.46 8.54
C TYR A 51 -6.42 -15.71 10.04
N GLY A 52 -6.23 -16.96 10.43
CA GLY A 52 -6.15 -17.27 11.86
C GLY A 52 -7.51 -17.30 12.53
N THR A 53 -7.49 -17.29 13.87
CA THR A 53 -8.69 -17.48 14.66
C THR A 53 -8.82 -16.39 15.70
N LEU A 54 -9.95 -15.68 15.68
CA LEU A 54 -10.27 -14.69 16.69
C LEU A 54 -10.53 -15.42 18.01
N ASN A 55 -9.82 -15.03 19.05
CA ASN A 55 -9.99 -15.70 20.35
C ASN A 55 -11.27 -15.25 21.07
N ASP A 56 -11.60 -15.91 22.19
CA ASP A 56 -12.86 -15.65 22.91
C ASP A 56 -12.92 -14.23 23.45
N GLU A 57 -11.77 -13.71 23.85
CA GLU A 57 -11.62 -12.35 24.34
C GLU A 57 -11.71 -11.33 23.18
N LYS A 58 -11.60 -11.84 21.95
CA LYS A 58 -11.56 -11.04 20.72
C LYS A 58 -10.46 -9.97 20.76
N ASN A 59 -9.36 -10.30 21.42
CA ASN A 59 -8.31 -9.30 21.65
C ASN A 59 -7.04 -9.51 20.83
N ASN A 60 -7.13 -10.36 19.81
CA ASN A 60 -5.97 -10.74 19.01
C ASN A 60 -6.11 -10.39 17.53
N ALA A 61 -7.01 -9.45 17.24
CA ALA A 61 -7.26 -9.04 15.84
C ALA A 61 -6.22 -8.03 15.36
N VAL A 62 -5.73 -8.24 14.13
CA VAL A 62 -4.71 -7.36 13.55
C VAL A 62 -5.17 -6.98 12.14
N LEU A 63 -5.20 -5.67 11.86
CA LEU A 63 -5.43 -5.19 10.49
C LEU A 63 -4.12 -5.05 9.72
N ILE A 64 -4.06 -5.66 8.54
CA ILE A 64 -2.93 -5.50 7.62
C ILE A 64 -3.33 -4.51 6.54
N CYS A 65 -2.49 -3.49 6.32
CA CYS A 65 -2.75 -2.49 5.26
C CYS A 65 -1.71 -2.70 4.17
N HIS A 66 -2.18 -2.93 2.93
CA HIS A 66 -1.27 -3.21 1.82
C HIS A 66 -0.64 -1.97 1.19
N ALA A 67 0.45 -2.17 0.46
CA ALA A 67 1.20 -1.08 -0.19
C ALA A 67 0.61 -0.74 -1.55
N LEU A 68 1.28 0.13 -2.30
CA LEU A 68 0.65 0.70 -3.51
C LEU A 68 0.00 -0.34 -4.42
N THR A 69 0.73 -1.41 -4.73
CA THR A 69 0.21 -2.39 -5.71
C THR A 69 -0.20 -3.69 -5.04
N GLY A 70 -0.31 -3.66 -3.71
CA GLY A 70 -0.74 -4.86 -2.98
C GLY A 70 -2.23 -5.11 -3.14
N ASP A 71 -2.71 -6.18 -2.51
CA ASP A 71 -4.12 -6.52 -2.54
C ASP A 71 -4.55 -7.17 -1.22
N ALA A 72 -5.73 -7.80 -1.22
CA ALA A 72 -6.29 -8.36 0.01
C ALA A 72 -5.65 -9.67 0.45
N GLU A 73 -4.71 -10.20 -0.32
CA GLU A 73 -4.22 -11.57 -0.09
C GLU A 73 -2.70 -11.66 0.14
N PRO A 74 -2.24 -11.31 1.35
CA PRO A 74 -0.80 -11.40 1.66
C PRO A 74 -0.27 -12.83 1.78
N TYR A 75 -1.19 -13.78 1.93
CA TYR A 75 -0.80 -15.16 2.28
C TYR A 75 -1.77 -16.15 1.66
N PHE A 76 -1.23 -17.28 1.21
CA PHE A 76 -2.02 -18.46 0.83
C PHE A 76 -1.43 -19.69 1.53
N ASP A 77 -2.27 -20.65 1.89
CA ASP A 77 -1.76 -21.87 2.54
C ASP A 77 -1.71 -23.07 1.59
N ASP A 78 -2.19 -22.87 0.37
CA ASP A 78 -2.44 -23.99 -0.55
C ASP A 78 -1.35 -24.20 -1.62
N GLY A 79 -0.31 -23.38 -1.59
CA GLY A 79 0.78 -23.50 -2.56
C GLY A 79 1.11 -22.21 -3.29
N ARG A 80 0.12 -21.33 -3.41
CA ARG A 80 0.30 -20.01 -4.01
C ARG A 80 1.12 -19.12 -3.06
N ASP A 81 1.79 -18.11 -3.62
CA ASP A 81 2.54 -17.15 -2.81
C ASP A 81 1.82 -15.80 -2.79
N GLY A 82 1.39 -15.37 -1.62
CA GLY A 82 0.80 -14.04 -1.46
C GLY A 82 1.88 -12.99 -1.35
N TRP A 83 1.48 -11.73 -1.31
CA TRP A 83 2.47 -10.65 -1.36
C TRP A 83 3.38 -10.53 -0.13
N TRP A 84 2.97 -11.15 0.97
CA TRP A 84 3.80 -11.19 2.19
C TRP A 84 4.06 -12.65 2.61
N GLN A 85 4.06 -13.56 1.63
CA GLN A 85 4.06 -15.00 1.90
C GLN A 85 5.06 -15.47 2.95
N ASN A 86 6.33 -15.13 2.78
CA ASN A 86 7.35 -15.70 3.66
C ASN A 86 7.46 -15.02 5.03
N PHE A 87 6.64 -14.00 5.26
CA PHE A 87 6.59 -13.32 6.56
C PHE A 87 5.42 -13.81 7.40
N GLY A 89 2.34 -16.81 8.49
CA GLY A 89 1.97 -18.21 8.62
C GLY A 89 2.21 -18.71 10.03
N ALA A 90 2.05 -20.02 10.21
CA ALA A 90 2.19 -20.64 11.52
C ALA A 90 3.60 -20.43 12.10
N GLY A 91 3.67 -19.67 13.20
CA GLY A 91 4.93 -19.43 13.90
C GLY A 91 5.83 -18.37 13.28
N LEU A 92 5.38 -17.77 12.18
CA LEU A 92 6.15 -16.70 11.54
C LEU A 92 5.81 -15.32 12.13
N ALA A 93 6.55 -14.29 11.75
CA ALA A 93 6.37 -12.96 12.35
C ALA A 93 4.90 -12.52 12.35
N LEU A 94 4.24 -12.66 11.21
CA LEU A 94 2.80 -12.44 11.13
C LEU A 94 2.18 -13.80 11.44
N ASP A 95 2.02 -14.07 12.73
CA ASP A 95 1.77 -15.43 13.22
C ASP A 95 0.31 -15.78 13.20
N THR A 96 -0.07 -16.61 12.23
CA THR A 96 -1.46 -17.03 12.06
C THR A 96 -1.92 -18.04 13.13
N ASP A 97 -1.01 -18.53 13.97
CA ASP A 97 -1.41 -19.34 15.13
C ASP A 97 -1.80 -18.45 16.32
N ARG A 98 -1.41 -17.18 16.24
CA ARG A 98 -1.51 -16.26 17.36
C ARG A 98 -2.57 -15.17 17.15
N TYR A 99 -2.65 -14.65 15.92
CA TYR A 99 -3.47 -13.49 15.64
C TYR A 99 -4.55 -13.82 14.64
N PHE A 100 -5.58 -12.99 14.62
CA PHE A 100 -6.62 -13.04 13.60
C PHE A 100 -6.39 -11.83 12.71
N PHE A 101 -5.91 -12.08 11.50
CA PHE A 101 -5.53 -11.01 10.58
C PHE A 101 -6.69 -10.67 9.66
N ILE A 102 -6.91 -9.38 9.43
CA ILE A 102 -7.84 -8.92 8.41
C ILE A 102 -7.03 -8.12 7.40
N SER A 103 -7.21 -8.42 6.10
N SER A 103 -7.20 -8.45 6.12
CA SER A 103 -6.51 -7.71 5.02
CA SER A 103 -6.57 -7.73 5.03
C SER A 103 -7.49 -7.39 3.88
C SER A 103 -7.69 -7.29 4.08
N SER A 104 -7.53 -6.13 3.47
CA SER A 104 -8.52 -5.67 2.50
C SER A 104 -7.89 -4.87 1.36
N ASN A 105 -8.47 -4.97 0.18
CA ASN A 105 -8.00 -4.17 -0.96
C ASN A 105 -8.50 -2.74 -0.77
N VAL A 106 -7.62 -1.76 -0.96
CA VAL A 106 -7.98 -0.35 -0.72
C VAL A 106 -9.03 0.15 -1.70
N LEU A 107 -9.85 1.10 -1.24
CA LEU A 107 -10.68 1.92 -2.12
C LEU A 107 -9.79 2.49 -3.23
N GLY A 108 -10.26 2.44 -4.47
CA GLY A 108 -9.43 2.89 -5.60
C GLY A 108 -8.57 1.78 -6.19
N GLY A 109 -8.57 0.61 -5.54
CA GLY A 109 -7.84 -0.56 -6.03
C GLY A 109 -8.46 -1.24 -7.24
N CYS A 110 -7.87 -2.36 -7.64
CA CYS A 110 -8.29 -3.06 -8.85
C CYS A 110 -8.27 -4.57 -8.63
N LYS A 111 -8.26 -4.99 -7.37
CA LYS A 111 -8.28 -6.42 -7.05
C LYS A 111 -9.48 -6.78 -6.17
N GLY A 112 -10.57 -6.08 -6.42
CA GLY A 112 -11.87 -6.48 -5.87
C GLY A 112 -12.62 -5.35 -5.19
N THR A 113 -11.91 -4.43 -4.57
CA THR A 113 -12.57 -3.30 -3.93
C THR A 113 -12.88 -2.26 -4.98
N THR A 114 -14.01 -1.58 -4.81
CA THR A 114 -14.43 -0.56 -5.77
C THR A 114 -13.28 0.40 -6.10
N GLY A 115 -13.07 0.57 -7.41
CA GLY A 115 -12.06 1.47 -7.96
C GLY A 115 -12.51 1.94 -9.34
N PRO A 116 -11.63 2.64 -10.05
CA PRO A 116 -12.02 3.21 -11.34
C PRO A 116 -12.43 2.18 -12.40
N SER A 117 -11.97 0.94 -12.28
CA SER A 117 -12.38 -0.09 -13.22
C SER A 117 -13.74 -0.71 -12.91
N SER A 118 -14.26 -0.44 -11.70
CA SER A 118 -15.58 -0.94 -11.29
C SER A 118 -16.71 -0.29 -12.05
N ILE A 119 -17.84 -0.99 -12.15
CA ILE A 119 -19.01 -0.42 -12.82
C ILE A 119 -19.62 0.72 -11.99
N ASN A 120 -19.79 1.87 -12.62
CA ASN A 120 -20.41 3.01 -11.98
C ASN A 120 -21.92 2.73 -11.88
N PRO A 121 -22.47 2.64 -10.66
CA PRO A 121 -23.90 2.31 -10.54
C PRO A 121 -24.81 3.25 -11.32
N GLN A 122 -24.35 4.48 -11.58
CA GLN A 122 -25.16 5.48 -12.28
C GLN A 122 -25.12 5.41 -13.81
N THR A 123 -24.21 4.61 -14.38
CA THR A 123 -24.05 4.56 -15.84
C THR A 123 -24.05 3.14 -16.41
N GLY A 124 -23.76 2.15 -15.57
CA GLY A 124 -23.59 0.78 -16.03
C GLY A 124 -22.31 0.54 -16.81
N LYS A 125 -21.42 1.54 -16.82
CA LYS A 125 -20.11 1.43 -17.46
C LYS A 125 -19.05 1.69 -16.39
N PRO A 126 -17.81 1.22 -16.60
CA PRO A 126 -16.77 1.52 -15.60
C PRO A 126 -16.66 3.02 -15.29
N TYR A 127 -16.33 3.35 -14.05
CA TYR A 127 -16.17 4.76 -13.66
C TYR A 127 -15.18 5.48 -14.59
N GLY A 128 -14.01 4.87 -14.79
CA GLY A 128 -12.97 5.46 -15.66
C GLY A 128 -12.67 6.88 -15.24
N SER A 129 -12.79 7.82 -16.18
CA SER A 129 -12.50 9.23 -15.92
C SER A 129 -13.41 9.85 -14.85
N GLN A 130 -14.53 9.20 -14.56
CA GLN A 130 -15.50 9.69 -13.57
C GLN A 130 -15.23 9.24 -12.14
N PHE A 131 -14.19 8.43 -11.94
CA PHE A 131 -13.90 8.01 -10.57
C PHE A 131 -13.39 9.20 -9.77
N PRO A 132 -13.97 9.45 -8.58
CA PRO A 132 -13.60 10.63 -7.82
C PRO A 132 -12.22 10.48 -7.21
N ASN A 133 -11.59 11.62 -6.91
CA ASN A 133 -10.27 11.62 -6.31
C ASN A 133 -10.38 11.21 -4.87
N ILE A 134 -9.51 10.30 -4.48
CA ILE A 134 -9.54 9.76 -3.13
C ILE A 134 -8.22 9.99 -2.43
N VAL A 135 -8.29 9.95 -1.09
CA VAL A 135 -7.14 10.12 -0.24
C VAL A 135 -7.12 9.01 0.82
N VAL A 136 -6.01 8.89 1.53
CA VAL A 136 -5.89 7.86 2.56
C VAL A 136 -7.02 7.97 3.60
N GLN A 137 -7.48 9.19 3.88
CA GLN A 137 -8.55 9.38 4.86
C GLN A 137 -9.82 8.64 4.43
N ASP A 138 -10.08 8.60 3.13
CA ASP A 138 -11.23 7.87 2.59
C ASP A 138 -11.02 6.35 2.70
N ILE A 139 -9.82 5.92 2.34
CA ILE A 139 -9.44 4.52 2.39
C ILE A 139 -9.63 3.95 3.79
N VAL A 140 -9.21 4.69 4.81
CA VAL A 140 -9.34 4.16 6.18
C VAL A 140 -10.81 4.12 6.63
N LYS A 141 -11.63 5.08 6.18
CA LYS A 141 -13.07 5.05 6.50
C LYS A 141 -13.72 3.79 5.96
N VAL A 142 -13.30 3.36 4.77
CA VAL A 142 -13.81 2.12 4.21
C VAL A 142 -13.37 0.91 5.04
N GLN A 143 -12.10 0.91 5.49
CA GLN A 143 -11.61 -0.14 6.36
C GLN A 143 -12.35 -0.18 7.69
N LYS A 144 -12.65 0.99 8.27
CA LYS A 144 -13.42 1.05 9.53
C LYS A 144 -14.79 0.42 9.36
N ALA A 145 -15.43 0.72 8.24
CA ALA A 145 -16.76 0.19 7.93
C ALA A 145 -16.70 -1.32 7.77
N LEU A 146 -15.62 -1.83 7.17
CA LEU A 146 -15.43 -3.27 7.05
C LEU A 146 -15.33 -3.91 8.43
N LEU A 147 -14.54 -3.31 9.32
CA LEU A 147 -14.37 -3.91 10.64
C LEU A 147 -15.67 -3.88 11.46
N GLU A 148 -16.46 -2.83 11.25
CA GLU A 148 -17.80 -2.72 11.86
C GLU A 148 -18.68 -3.87 11.38
N HIS A 149 -18.66 -4.11 10.06
CA HIS A 149 -19.40 -5.22 9.48
C HIS A 149 -18.97 -6.57 10.08
N LEU A 150 -17.66 -6.73 10.30
CA LEU A 150 -17.12 -7.99 10.81
C LEU A 150 -17.27 -8.14 12.33
N GLY A 151 -17.76 -7.09 12.98
CA GLY A 151 -17.94 -7.11 14.44
C GLY A 151 -16.65 -7.05 15.22
N ILE A 152 -15.65 -6.37 14.66
CA ILE A 152 -14.38 -6.16 15.35
C ILE A 152 -14.39 -4.74 15.94
N SER A 153 -14.43 -4.66 17.27
CA SER A 153 -14.60 -3.35 17.93
C SER A 153 -13.29 -2.79 18.50
N HIS A 154 -12.23 -3.58 18.43
CA HIS A 154 -10.90 -3.14 18.86
C HIS A 154 -9.86 -4.02 18.20
N LEU A 155 -8.67 -3.47 17.97
CA LEU A 155 -7.56 -4.22 17.36
C LEU A 155 -6.35 -4.30 18.28
N LYS A 156 -5.68 -5.45 18.25
CA LYS A 156 -4.39 -5.59 18.91
C LYS A 156 -3.38 -4.72 18.18
N ALA A 157 -3.42 -4.75 16.86
CA ALA A 157 -2.46 -3.96 16.09
C ALA A 157 -2.98 -3.63 14.69
N ILE A 158 -2.36 -2.61 14.10
CA ILE A 158 -2.46 -2.35 12.66
C ILE A 158 -1.03 -2.32 12.14
N ILE A 159 -0.79 -3.01 11.03
CA ILE A 159 0.55 -3.07 10.47
C ILE A 159 0.51 -2.82 8.96
N GLY A 160 1.46 -2.02 8.49
CA GLY A 160 1.57 -1.79 7.05
C GLY A 160 2.93 -1.23 6.72
N GLY A 161 3.41 -1.53 5.51
CA GLY A 161 4.63 -0.91 5.03
C GLY A 161 4.32 0.00 3.85
N SER A 162 5.17 1.02 3.66
CA SER A 162 5.06 1.92 2.50
C SER A 162 3.70 2.63 2.53
N PHE A 163 2.97 2.64 1.42
CA PHE A 163 1.60 3.18 1.41
C PHE A 163 0.72 2.55 2.50
N GLY A 164 1.00 1.29 2.87
CA GLY A 164 0.30 0.64 3.96
C GLY A 164 0.60 1.26 5.32
N GLY A 165 1.84 1.74 5.47
CA GLY A 165 2.25 2.47 6.69
C GLY A 165 1.51 3.78 6.84
N GLN A 167 -1.57 4.30 5.68
CA GLN A 167 -2.89 3.88 6.16
C GLN A 167 -2.85 3.63 7.67
N ALA A 168 -1.80 2.96 8.14
CA ALA A 168 -1.69 2.68 9.59
C ALA A 168 -1.57 3.96 10.38
N ASN A 169 -0.72 4.88 9.91
CA ASN A 169 -0.59 6.21 10.52
C ASN A 169 -1.92 6.94 10.62
N GLN A 170 -2.68 6.92 9.53
CA GLN A 170 -3.96 7.61 9.50
C GLN A 170 -4.97 6.97 10.46
N TRP A 171 -4.96 5.64 10.55
CA TRP A 171 -5.79 4.94 11.54
C TRP A 171 -5.50 5.45 12.95
N ALA A 172 -4.21 5.59 13.25
CA ALA A 172 -3.73 5.99 14.59
C ALA A 172 -4.29 7.36 14.99
N ILE A 173 -4.50 8.21 13.99
CA ILE A 173 -5.01 9.58 14.17
C ILE A 173 -6.54 9.59 14.26
N ASP A 174 -7.19 8.95 13.30
CA ASP A 174 -8.65 9.03 13.19
C ASP A 174 -9.42 8.22 14.23
N TYR A 175 -8.85 7.10 14.67
CA TYR A 175 -9.52 6.20 15.62
C TYR A 175 -8.54 5.88 16.74
N PRO A 176 -8.17 6.90 17.52
CA PRO A 176 -7.00 6.84 18.39
C PRO A 176 -7.01 5.74 19.45
N ASP A 177 -8.21 5.36 19.89
CA ASP A 177 -8.33 4.36 20.96
C ASP A 177 -8.78 3.00 20.44
N PHE A 178 -8.73 2.82 19.12
CA PHE A 178 -9.25 1.61 18.50
C PHE A 178 -8.24 0.47 18.45
N ASP A 180 -4.21 -1.16 20.00
CA ASP A 180 -3.12 -1.07 20.98
C ASP A 180 -1.83 -0.55 20.34
N ASN A 181 -1.49 -1.14 19.19
CA ASN A 181 -0.18 -0.98 18.57
C ASN A 181 -0.32 -0.57 17.11
N ILE A 182 0.57 0.33 16.68
CA ILE A 182 0.70 0.72 15.27
C ILE A 182 2.10 0.33 14.81
N VAL A 183 2.19 -0.39 13.70
CA VAL A 183 3.49 -0.83 13.18
C VAL A 183 3.61 -0.27 11.77
N ASN A 184 4.41 0.80 11.67
CA ASN A 184 4.57 1.53 10.41
C ASN A 184 5.97 1.22 9.87
N LEU A 185 6.01 0.40 8.81
CA LEU A 185 7.28 -0.01 8.22
C LEU A 185 7.58 0.86 7.01
N CYS A 186 8.69 1.60 7.05
CA CYS A 186 9.21 2.24 5.83
C CYS A 186 8.23 3.20 5.16
N SER A 187 7.65 4.08 5.94
CA SER A 187 6.91 5.20 5.36
C SER A 187 7.10 6.43 6.22
N SER A 188 6.96 7.57 5.58
CA SER A 188 6.96 8.84 6.28
C SER A 188 5.55 9.37 6.23
N ILE A 189 5.28 10.39 7.04
CA ILE A 189 3.93 10.95 7.04
C ILE A 189 3.72 11.97 5.91
N TYR A 190 4.81 12.39 5.27
CA TYR A 190 4.75 13.17 4.03
C TYR A 190 5.72 12.60 2.98
N PHE A 191 5.28 12.53 1.73
CA PHE A 191 6.11 12.09 0.60
C PHE A 191 7.01 13.24 0.20
N SER A 192 8.28 12.95 -0.14
CA SER A 192 9.25 13.99 -0.46
C SER A 192 9.03 14.63 -1.83
N ALA A 193 9.63 15.80 -2.04
CA ALA A 193 9.60 16.47 -3.35
C ALA A 193 10.12 15.55 -4.46
N GLU A 194 11.24 14.89 -4.21
CA GLU A 194 11.82 14.02 -5.22
C GLU A 194 10.90 12.85 -5.54
N ALA A 195 10.32 12.26 -4.49
CA ALA A 195 9.41 11.14 -4.66
C ALA A 195 8.16 11.56 -5.42
N ILE A 196 7.64 12.76 -5.11
CA ILE A 196 6.54 13.33 -5.91
C ILE A 196 6.95 13.39 -7.38
N GLY A 197 8.17 13.86 -7.64
CA GLY A 197 8.71 13.93 -9.00
C GLY A 197 8.61 12.59 -9.74
N PHE A 198 9.06 11.50 -9.09
CA PHE A 198 8.95 10.17 -9.72
C PHE A 198 7.49 9.81 -10.01
N ASN A 199 6.60 10.09 -9.06
CA ASN A 199 5.15 9.81 -9.27
C ASN A 199 4.61 10.57 -10.47
N HIS A 200 5.05 11.82 -10.59
CA HIS A 200 4.63 12.67 -11.68
C HIS A 200 5.05 12.08 -13.04
N VAL A 201 6.30 11.65 -13.15
CA VAL A 201 6.76 11.02 -14.39
C VAL A 201 5.95 9.75 -14.68
N ARG A 203 2.86 9.04 -13.73
CA ARG A 203 1.50 9.42 -14.16
C ARG A 203 1.51 9.89 -15.61
N GLN A 204 2.49 10.72 -15.95
CA GLN A 204 2.54 11.26 -17.32
C GLN A 204 2.79 10.18 -18.36
N ALA A 205 3.58 9.16 -17.99
CA ALA A 205 3.83 8.04 -18.89
C ALA A 205 2.50 7.35 -19.21
N VAL A 206 1.67 7.18 -18.19
CA VAL A 206 0.37 6.52 -18.38
C VAL A 206 -0.59 7.38 -19.22
N ILE A 207 -0.72 8.64 -18.82
CA ILE A 207 -1.72 9.54 -19.40
C ILE A 207 -1.40 9.87 -20.87
N ASN A 208 -0.12 9.84 -21.22
CA ASN A 208 0.29 10.10 -22.60
C ASN A 208 0.33 8.87 -23.50
N ASP A 209 -0.06 7.71 -22.97
CA ASP A 209 -0.20 6.51 -23.78
C ASP A 209 -1.32 6.76 -24.82
N PRO A 210 -1.07 6.40 -26.09
CA PRO A 210 -2.06 6.70 -27.15
C PRO A 210 -3.42 6.03 -26.95
N ASN A 211 -3.47 5.02 -26.09
CA ASN A 211 -4.72 4.29 -25.81
C ASN A 211 -5.42 4.69 -24.51
N PHE A 212 -4.86 5.68 -23.80
CA PHE A 212 -5.43 6.10 -22.52
C PHE A 212 -6.87 6.61 -22.67
N ASN A 213 -7.14 7.34 -23.74
CA ASN A 213 -8.49 7.86 -24.01
C ASN A 213 -9.10 8.58 -22.81
N GLY A 214 -8.30 9.42 -22.16
CA GLY A 214 -8.74 10.21 -21.02
C GLY A 214 -9.17 9.39 -19.81
N GLY A 215 -8.85 8.09 -19.83
CA GLY A 215 -9.16 7.19 -18.74
C GLY A 215 -10.31 6.26 -19.08
N ASP A 216 -10.98 6.53 -20.19
CA ASP A 216 -12.10 5.68 -20.59
C ASP A 216 -11.70 4.70 -21.69
N TYR A 217 -10.84 3.76 -21.33
CA TYR A 217 -10.22 2.85 -22.29
C TYR A 217 -10.80 1.44 -22.22
N TYR A 218 -11.83 1.25 -21.40
CA TYR A 218 -12.27 -0.11 -21.06
C TYR A 218 -12.97 -0.85 -22.19
N GLU A 219 -13.46 -0.11 -23.17
CA GLU A 219 -14.11 -0.71 -24.34
C GLU A 219 -13.14 -0.88 -25.52
N GLY A 220 -11.89 -0.43 -25.33
CA GLY A 220 -10.88 -0.56 -26.36
C GLY A 220 -9.59 -1.19 -25.86
N THR A 221 -8.49 -0.75 -26.46
CA THR A 221 -7.16 -1.24 -26.14
C THR A 221 -6.68 -0.51 -24.87
N PRO A 222 -6.19 -1.27 -23.86
CA PRO A 222 -5.70 -0.58 -22.66
C PRO A 222 -4.32 0.09 -22.86
N PRO A 223 -3.99 1.07 -22.01
CA PRO A 223 -2.74 1.82 -22.10
C PRO A 223 -1.55 1.03 -21.54
N ASP A 224 -1.27 -0.10 -22.18
CA ASP A 224 -0.25 -1.04 -21.74
C ASP A 224 1.16 -0.47 -21.83
N GLN A 225 1.43 0.30 -22.88
CA GLN A 225 2.78 0.87 -23.08
C GLN A 225 3.14 1.78 -21.89
N GLY A 226 2.25 2.73 -21.59
CA GLY A 226 2.48 3.71 -20.54
C GLY A 226 2.53 3.08 -19.16
N LEU A 227 1.62 2.15 -18.90
CA LEU A 227 1.61 1.51 -17.58
C LEU A 227 2.87 0.67 -17.32
N SER A 228 3.33 -0.07 -18.34
N SER A 228 3.31 -0.08 -18.34
CA SER A 228 4.53 -0.89 -18.19
CA SER A 228 4.54 -0.87 -18.20
C SER A 228 5.78 -0.01 -17.97
C SER A 228 5.73 0.04 -17.91
N ILE A 229 5.85 1.12 -18.67
CA ILE A 229 6.92 2.10 -18.47
C ILE A 229 6.89 2.69 -17.04
N ALA A 230 5.70 3.11 -16.60
CA ALA A 230 5.52 3.60 -15.22
C ALA A 230 5.97 2.58 -14.18
N ARG A 231 5.60 1.33 -14.39
CA ARG A 231 5.98 0.27 -13.47
C ARG A 231 7.51 0.09 -13.42
N LEU A 233 9.75 2.31 -13.96
CA LEU A 233 10.27 3.43 -13.18
C LEU A 233 10.06 3.21 -11.68
N GLY A 234 8.85 2.83 -11.29
CA GLY A 234 8.58 2.51 -9.88
C GLY A 234 9.59 1.52 -9.33
N LEU A 236 12.59 0.88 -10.18
CA LEU A 236 13.90 1.50 -9.97
C LEU A 236 14.01 2.34 -8.70
N THR A 237 12.87 2.64 -8.07
CA THR A 237 12.89 3.35 -6.81
C THR A 237 12.75 2.41 -5.60
N TYR A 238 12.38 1.14 -5.85
CA TYR A 238 12.00 0.24 -4.74
C TYR A 238 13.12 -0.55 -4.11
N ARG A 239 14.24 -0.71 -4.80
CA ARG A 239 15.39 -1.45 -4.22
C ARG A 239 16.61 -0.54 -4.09
N THR A 240 17.81 -1.03 -4.39
CA THR A 240 18.99 -0.15 -4.27
C THR A 240 19.90 -0.37 -5.46
N ASP A 241 20.74 0.60 -5.77
CA ASP A 241 21.71 0.41 -6.84
C ASP A 241 22.62 -0.78 -6.54
N LEU A 242 22.96 -0.98 -5.26
CA LEU A 242 23.82 -2.13 -4.91
C LEU A 242 23.14 -3.45 -5.25
N GLN A 243 21.85 -3.57 -4.95
CA GLN A 243 21.11 -4.79 -5.24
C GLN A 243 21.11 -5.07 -6.74
N LEU A 244 20.93 -4.04 -7.56
CA LEU A 244 20.95 -4.25 -9.01
C LEU A 244 22.35 -4.57 -9.51
N ALA A 245 23.37 -4.00 -8.88
CA ALA A 245 24.76 -4.31 -9.25
C ALA A 245 25.04 -5.79 -8.94
N LYS A 246 24.48 -6.28 -7.83
CA LYS A 246 24.66 -7.70 -7.43
C LYS A 246 23.89 -8.64 -8.35
N ALA A 247 22.66 -8.27 -8.70
CA ALA A 247 21.81 -9.15 -9.48
C ALA A 247 22.26 -9.24 -10.93
N PHE A 248 22.64 -8.11 -11.51
CA PHE A 248 22.88 -8.02 -12.95
C PHE A 248 24.22 -7.44 -13.35
N GLY A 249 24.64 -6.42 -12.62
CA GLY A 249 25.76 -5.58 -13.08
C GLY A 249 25.54 -5.21 -14.54
N ARG A 250 26.59 -5.38 -15.35
CA ARG A 250 26.52 -5.02 -16.77
C ARG A 250 26.38 -6.24 -17.69
N ALA A 251 25.81 -7.32 -17.16
CA ALA A 251 25.57 -8.51 -18.00
C ALA A 251 24.70 -8.14 -19.18
N THR A 252 25.01 -8.69 -20.35
CA THR A 252 24.24 -8.39 -21.54
C THR A 252 23.33 -9.53 -21.95
N LYS A 253 22.25 -9.17 -22.62
CA LYS A 253 21.34 -10.13 -23.25
C LYS A 253 22.02 -10.66 -24.51
N SER A 254 21.91 -11.97 -24.76
CA SER A 254 22.74 -12.60 -25.80
C SER A 254 22.45 -12.07 -27.22
N ASP A 255 21.17 -11.86 -27.53
CA ASP A 255 20.76 -11.25 -28.81
C ASP A 255 19.86 -10.05 -28.58
N GLY A 256 20.44 -9.03 -27.96
CA GLY A 256 19.69 -7.84 -27.58
C GLY A 256 19.42 -6.92 -28.74
N SER A 257 18.87 -5.75 -28.43
CA SER A 257 18.70 -4.72 -29.42
C SER A 257 18.95 -3.38 -28.78
N PHE A 258 19.47 -2.45 -29.58
CA PHE A 258 19.85 -1.13 -29.09
C PHE A 258 18.69 -0.32 -28.56
N TRP A 259 17.55 -0.35 -29.28
CA TRP A 259 16.37 0.40 -28.87
C TRP A 259 15.42 -0.41 -28.00
N GLY A 260 15.80 -1.65 -27.72
CA GLY A 260 15.04 -2.51 -26.82
C GLY A 260 15.93 -2.94 -25.66
N ASP A 261 15.84 -4.22 -25.29
CA ASP A 261 16.65 -4.77 -24.20
C ASP A 261 18.02 -5.19 -24.70
N TYR A 262 19.07 -4.56 -24.17
CA TYR A 262 20.45 -4.86 -24.50
C TYR A 262 21.15 -5.47 -23.30
N PHE A 263 20.99 -4.85 -22.14
CA PHE A 263 21.52 -5.38 -20.89
C PHE A 263 20.49 -6.26 -20.19
N GLN A 264 20.97 -7.21 -19.40
CA GLN A 264 20.10 -8.07 -18.60
C GLN A 264 19.15 -7.30 -17.68
N VAL A 265 19.64 -6.20 -17.09
CA VAL A 265 18.78 -5.40 -16.23
C VAL A 265 17.59 -4.82 -17.01
N GLU A 266 17.83 -4.51 -18.29
CA GLU A 266 16.76 -4.01 -19.15
C GLU A 266 15.77 -5.10 -19.46
N SER A 267 16.26 -6.30 -19.77
N SER A 267 16.27 -6.31 -19.74
CA SER A 267 15.41 -7.46 -19.99
CA SER A 267 15.40 -7.46 -20.01
C SER A 267 14.49 -7.70 -18.81
C SER A 267 14.52 -7.80 -18.82
N TYR A 268 15.07 -7.67 -17.61
CA TYR A 268 14.32 -7.89 -16.37
C TYR A 268 13.25 -6.81 -16.19
N LEU A 269 13.61 -5.55 -16.38
CA LEU A 269 12.64 -4.47 -16.21
C LEU A 269 11.51 -4.61 -17.22
N SER A 270 11.85 -4.92 -18.47
CA SER A 270 10.82 -5.07 -19.50
C SER A 270 9.88 -6.24 -19.18
N TYR A 271 10.46 -7.36 -18.77
CA TYR A 271 9.66 -8.55 -18.41
C TYR A 271 8.71 -8.25 -17.26
N GLN A 272 9.23 -7.60 -16.22
CA GLN A 272 8.41 -7.29 -15.04
C GLN A 272 7.35 -6.23 -15.32
N GLY A 273 7.69 -5.24 -16.16
CA GLY A 273 6.72 -4.24 -16.60
C GLY A 273 5.55 -4.90 -17.32
N LYS A 274 5.87 -5.85 -18.20
CA LYS A 274 4.83 -6.59 -18.93
C LYS A 274 3.99 -7.48 -18.00
N LYS A 275 4.65 -8.14 -17.05
CA LYS A 275 3.96 -9.04 -16.14
C LYS A 275 2.98 -8.26 -15.27
N PHE A 276 3.36 -7.04 -14.89
CA PHE A 276 2.51 -6.14 -14.09
C PHE A 276 1.15 -5.89 -14.74
N LEU A 277 1.14 -5.79 -16.06
CA LEU A 277 -0.10 -5.53 -16.81
C LEU A 277 -1.14 -6.61 -16.58
N GLU A 278 -0.70 -7.82 -16.26
CA GLU A 278 -1.63 -8.94 -16.03
C GLU A 278 -2.44 -8.76 -14.74
N ARG A 279 -1.95 -7.92 -13.84
CA ARG A 279 -2.53 -7.83 -12.51
C ARG A 279 -2.98 -6.44 -12.05
N PHE A 280 -2.77 -5.43 -12.88
CA PHE A 280 -3.08 -4.06 -12.44
C PHE A 280 -3.75 -3.22 -13.51
N ASP A 281 -4.56 -2.26 -13.05
CA ASP A 281 -5.30 -1.35 -13.91
C ASP A 281 -4.65 0.04 -13.90
N ALA A 282 -4.48 0.64 -15.07
CA ALA A 282 -3.83 1.96 -15.18
C ALA A 282 -4.51 3.06 -14.34
N ASN A 283 -5.84 3.17 -14.42
CA ASN A 283 -6.56 4.19 -13.67
C ASN A 283 -6.37 4.02 -12.16
N SER A 284 -6.38 2.79 -11.68
N SER A 284 -6.39 2.77 -11.70
CA SER A 284 -6.14 2.51 -10.28
CA SER A 284 -6.15 2.47 -10.30
C SER A 284 -4.75 2.99 -9.88
C SER A 284 -4.76 2.97 -9.88
N TYR A 285 -3.77 2.72 -10.75
CA TYR A 285 -2.40 3.16 -10.49
C TYR A 285 -2.36 4.69 -10.36
N LEU A 286 -3.03 5.40 -11.26
CA LEU A 286 -3.07 6.87 -11.18
C LEU A 286 -3.69 7.34 -9.86
N HIS A 287 -4.84 6.78 -9.50
CA HIS A 287 -5.54 7.21 -8.30
C HIS A 287 -4.78 6.95 -7.01
N LEU A 288 -4.13 5.79 -6.93
CA LEU A 288 -3.36 5.44 -5.75
C LEU A 288 -2.03 6.21 -5.67
N LEU A 289 -1.40 6.48 -6.82
CA LEU A 289 -0.20 7.35 -6.82
C LEU A 289 -0.54 8.71 -6.24
N ARG A 290 -1.67 9.26 -6.65
CA ARG A 290 -2.08 10.57 -6.15
C ARG A 290 -2.44 10.51 -4.65
N ALA A 291 -3.10 9.45 -4.22
CA ALA A 291 -3.39 9.29 -2.77
C ALA A 291 -2.07 9.26 -1.97
N LEU A 292 -1.08 8.56 -2.51
CA LEU A 292 0.22 8.44 -1.88
C LEU A 292 0.92 9.80 -1.81
N ASP A 293 1.05 10.49 -2.94
CA ASP A 293 1.82 11.73 -2.88
C ASP A 293 1.08 12.90 -2.23
N TYR A 295 -0.81 12.52 0.42
CA TYR A 295 -1.12 12.16 1.81
C TYR A 295 -0.68 13.27 2.76
N ASP A 296 -1.62 13.70 3.59
CA ASP A 296 -1.38 14.79 4.52
C ASP A 296 -2.15 14.46 5.80
N PRO A 297 -1.44 14.06 6.86
CA PRO A 297 -2.14 13.68 8.10
C PRO A 297 -2.89 14.83 8.76
N SER A 298 -2.62 16.06 8.34
CA SER A 298 -3.31 17.24 8.90
C SER A 298 -4.70 17.46 8.31
N LEU A 299 -5.03 16.74 7.24
CA LEU A 299 -6.27 16.98 6.51
C LEU A 299 -7.48 16.68 7.40
N GLY A 300 -8.35 17.69 7.57
CA GLY A 300 -9.49 17.57 8.47
C GLY A 300 -9.22 17.99 9.91
N TYR A 301 -7.98 18.41 10.19
CA TYR A 301 -7.58 18.87 11.50
C TYR A 301 -6.99 20.28 11.39
N GLU A 302 -6.71 20.91 12.54
CA GLU A 302 -6.19 22.28 12.56
C GLU A 302 -4.82 22.35 11.88
N ASN A 303 -3.96 21.39 12.23
CA ASN A 303 -2.61 21.32 11.68
C ASN A 303 -2.04 19.95 12.00
N VAL A 304 -0.83 19.66 11.52
CA VAL A 304 -0.24 18.35 11.73
C VAL A 304 0.03 18.05 13.21
N LYS A 305 0.46 19.05 13.99
CA LYS A 305 0.71 18.83 15.42
C LYS A 305 -0.57 18.39 16.14
N GLU A 306 -1.68 19.07 15.84
CA GLU A 306 -2.98 18.71 16.44
C GLU A 306 -3.38 17.29 16.04
N ALA A 307 -3.19 16.94 14.77
CA ALA A 307 -3.54 15.60 14.30
C ALA A 307 -2.73 14.55 15.03
N LEU A 308 -1.41 14.72 15.05
CA LEU A 308 -0.54 13.70 15.62
C LEU A 308 -0.69 13.58 17.14
N SER A 309 -1.07 14.69 17.77
CA SER A 309 -1.28 14.69 19.22
C SER A 309 -2.46 13.83 19.65
N ARG A 310 -3.30 13.46 18.68
CA ARG A 310 -4.40 12.52 18.90
C ARG A 310 -3.94 11.09 19.13
N ILE A 311 -2.74 10.75 18.64
CA ILE A 311 -2.28 9.36 18.65
C ILE A 311 -2.01 8.86 20.06
N LYS A 312 -2.64 7.75 20.43
CA LYS A 312 -2.48 7.17 21.77
C LYS A 312 -1.80 5.81 21.73
N ALA A 313 -1.75 5.20 20.56
CA ALA A 313 -1.22 3.84 20.40
C ALA A 313 0.28 3.78 20.63
N ARG A 314 0.79 2.58 20.91
CA ARG A 314 2.22 2.33 20.93
C ARG A 314 2.63 2.24 19.48
N TYR A 315 3.49 3.17 19.04
CA TYR A 315 3.75 3.38 17.61
C TYR A 315 5.19 2.98 17.28
N THR A 316 5.33 1.95 16.44
CA THR A 316 6.63 1.47 15.96
C THR A 316 6.87 2.02 14.56
N LEU A 317 8.03 2.63 14.36
CA LEU A 317 8.40 3.19 13.05
C LEU A 317 9.75 2.63 12.65
N VAL A 318 9.81 2.00 11.48
CA VAL A 318 11.07 1.40 11.01
C VAL A 318 11.55 2.09 9.75
N SER A 319 12.82 2.49 9.76
CA SER A 319 13.47 3.14 8.63
C SER A 319 14.54 2.21 8.06
N VAL A 320 14.49 1.98 6.75
CA VAL A 320 15.60 1.28 6.10
C VAL A 320 16.57 2.36 5.59
N THR A 321 17.82 2.33 6.04
CA THR A 321 18.74 3.45 5.82
C THR A 321 19.14 3.61 4.35
N THR A 322 18.94 2.53 3.60
CA THR A 322 19.27 2.47 2.18
C THR A 322 18.04 2.63 1.28
N ASP A 323 16.87 2.86 1.87
CA ASP A 323 15.62 3.10 1.13
C ASP A 323 15.82 4.31 0.22
N GLN A 324 15.53 4.13 -1.09
CA GLN A 324 15.73 5.21 -2.05
C GLN A 324 14.45 5.96 -2.41
N LEU A 325 13.36 5.62 -1.72
CA LEU A 325 12.07 6.27 -1.98
C LEU A 325 11.60 7.00 -0.75
N PHE A 326 11.46 6.27 0.35
CA PHE A 326 11.24 6.89 1.66
C PHE A 326 12.59 6.93 2.34
N LYS A 327 13.33 7.98 2.05
CA LYS A 327 14.73 8.09 2.46
C LYS A 327 14.83 8.43 3.95
N PRO A 328 15.99 8.16 4.57
CA PRO A 328 16.14 8.53 5.98
C PRO A 328 15.74 9.97 6.32
N ILE A 329 16.02 10.93 5.43
CA ILE A 329 15.61 12.32 5.69
C ILE A 329 14.10 12.40 6.00
N ASP A 330 13.29 11.67 5.24
CA ASP A 330 11.84 11.66 5.43
C ASP A 330 11.44 10.94 6.71
N LEU A 331 12.10 9.82 6.98
CA LEU A 331 11.79 9.05 8.18
C LEU A 331 12.16 9.85 9.43
N TYR A 332 13.26 10.59 9.38
CA TYR A 332 13.64 11.45 10.51
C TYR A 332 12.73 12.66 10.68
N LYS A 333 12.30 13.26 9.58
CA LYS A 333 11.30 14.33 9.66
C LYS A 333 10.03 13.82 10.33
N SER A 334 9.65 12.59 10.02
CA SER A 334 8.45 11.98 10.61
C SER A 334 8.66 11.68 12.08
N LYS A 335 9.80 11.09 12.38
CA LYS A 335 10.21 10.79 13.75
C LYS A 335 10.10 12.04 14.61
N GLN A 336 10.66 13.14 14.13
CA GLN A 336 10.62 14.41 14.86
C GLN A 336 9.20 14.92 15.08
N LEU A 337 8.38 14.89 14.03
CA LEU A 337 6.99 15.35 14.14
C LEU A 337 6.20 14.51 15.15
N LEU A 338 6.41 13.20 15.12
CA LEU A 338 5.72 12.32 16.05
C LEU A 338 6.17 12.59 17.49
N GLU A 339 7.46 12.79 17.67
CA GLU A 339 8.00 13.11 19.01
C GLU A 339 7.47 14.45 19.52
N GLN A 340 7.37 15.43 18.61
CA GLN A 340 6.87 16.77 18.98
C GLN A 340 5.43 16.76 19.47
N SER A 341 4.68 15.74 19.06
CA SER A 341 3.29 15.56 19.48
C SER A 341 3.14 14.54 20.63
N GLY A 342 4.27 14.12 21.20
CA GLY A 342 4.26 13.22 22.34
C GLY A 342 3.79 11.80 22.09
N VAL A 343 3.99 11.33 20.86
CA VAL A 343 3.66 9.95 20.52
C VAL A 343 4.54 8.95 21.28
N ASP A 344 3.92 7.84 21.69
CA ASP A 344 4.61 6.71 22.30
C ASP A 344 5.41 5.99 21.20
N LEU A 345 6.54 6.57 20.83
CA LEU A 345 7.25 6.20 19.59
C LEU A 345 8.42 5.28 19.85
N HIS A 346 8.59 4.30 18.98
CA HIS A 346 9.69 3.36 19.04
C HIS A 346 10.26 3.24 17.64
N PHE A 347 11.42 3.85 17.46
CA PHE A 347 12.04 4.03 16.16
C PHE A 347 13.23 3.09 16.00
N TYR A 348 13.30 2.43 14.85
CA TYR A 348 14.39 1.48 14.56
C TYR A 348 14.89 1.71 13.15
N GLU A 349 16.17 1.47 12.93
CA GLU A 349 16.70 1.61 11.57
C GLU A 349 17.80 0.60 11.30
N PHE A 350 17.96 0.26 10.02
CA PHE A 350 19.02 -0.66 9.59
C PHE A 350 19.13 -0.61 8.08
N PRO A 351 20.31 -0.92 7.54
CA PRO A 351 20.49 -1.00 6.09
C PRO A 351 20.00 -2.32 5.53
N SER A 352 19.59 -2.31 4.27
CA SER A 352 19.24 -3.53 3.56
C SER A 352 19.49 -3.34 2.06
N ASP A 353 20.04 -4.35 1.41
CA ASP A 353 20.20 -4.30 -0.04
C ASP A 353 18.85 -4.10 -0.72
N TYR A 354 17.78 -4.50 -0.06
CA TYR A 354 16.46 -4.44 -0.70
C TYR A 354 15.75 -3.09 -0.58
N GLY A 355 16.39 -2.13 0.12
CA GLY A 355 15.86 -0.75 0.18
C GLY A 355 14.39 -0.73 0.56
N HIS A 356 13.59 -0.05 -0.25
CA HIS A 356 12.16 0.10 0.07
C HIS A 356 11.36 -1.22 0.09
N ASP A 357 11.86 -2.20 -0.65
CA ASP A 357 11.26 -3.53 -0.70
C ASP A 357 11.69 -4.42 0.48
N ALA A 358 12.59 -3.93 1.33
CA ALA A 358 13.10 -4.79 2.40
C ALA A 358 12.00 -5.31 3.32
N PHE A 359 10.95 -4.51 3.58
CA PHE A 359 9.88 -4.97 4.48
C PHE A 359 9.10 -6.15 3.90
N LEU A 360 9.30 -6.40 2.60
CA LEU A 360 8.68 -7.53 1.92
C LEU A 360 9.63 -8.68 1.62
N VAL A 361 10.93 -8.48 1.87
CA VAL A 361 11.97 -9.43 1.47
C VAL A 361 12.90 -9.83 2.61
N ASP A 362 13.33 -8.85 3.39
CA ASP A 362 14.43 -9.02 4.34
C ASP A 362 13.88 -9.51 5.68
N TYR A 363 13.43 -10.75 5.69
CA TYR A 363 12.85 -11.36 6.88
C TYR A 363 13.81 -11.36 8.06
N ASP A 364 15.09 -11.59 7.79
CA ASP A 364 16.07 -11.64 8.89
C ASP A 364 16.11 -10.37 9.72
N GLN A 365 15.95 -9.22 9.05
CA GLN A 365 16.02 -7.94 9.74
C GLN A 365 14.66 -7.45 10.23
N PHE A 366 13.59 -7.88 9.57
CA PHE A 366 12.24 -7.45 9.98
C PHE A 366 11.52 -8.35 10.96
N GLU A 367 11.91 -9.62 11.05
CA GLU A 367 11.19 -10.59 11.86
C GLU A 367 10.94 -10.08 13.29
N LYS A 368 11.99 -9.66 13.98
CA LYS A 368 11.84 -9.23 15.37
C LYS A 368 11.02 -7.95 15.50
N ARG A 369 11.25 -7.01 14.58
CA ARG A 369 10.50 -5.75 14.58
C ARG A 369 8.99 -5.99 14.43
N ILE A 370 8.62 -6.90 13.55
CA ILE A 370 7.21 -7.22 13.32
C ILE A 370 6.63 -7.95 14.53
N ARG A 371 7.31 -9.01 14.95
CA ARG A 371 6.88 -9.80 16.10
C ARG A 371 6.66 -8.89 17.31
N ASP A 372 7.66 -8.10 17.64
CA ASP A 372 7.58 -7.20 18.80
C ASP A 372 6.51 -6.13 18.61
N GLY A 373 6.42 -5.60 17.39
CA GLY A 373 5.43 -4.55 17.09
C GLY A 373 4.01 -5.02 17.34
N LEU A 374 3.67 -6.21 16.83
CA LEU A 374 2.32 -6.74 16.98
C LEU A 374 1.98 -7.00 18.45
N ALA A 375 2.98 -7.48 19.18
CA ALA A 375 2.76 -7.95 20.56
C ALA A 375 2.73 -6.84 21.62
N GLY A 376 3.13 -5.63 21.24
CA GLY A 376 3.19 -4.53 22.20
C GLY A 376 4.56 -4.36 22.84
N ASN A 377 5.56 -5.00 22.25
CA ASN A 377 6.97 -4.80 22.64
C ASN A 377 7.70 -3.83 21.70
#